data_6EOA
#
_entry.id   6EOA
#
_cell.length_a   88.194
_cell.length_b   88.194
_cell.length_c   165.774
_cell.angle_alpha   90.00
_cell.angle_beta   90.00
_cell.angle_gamma   120.00
#
_symmetry.space_group_name_H-M   'H 3 2'
#
loop_
_entity.id
_entity.type
_entity.pdbx_description
1 polymer 'Phosphopantothenoylcysteine decarboxylase'
2 non-polymer 'FLAVIN MONONUCLEOTIDE'
3 water water
#
_entity_poly.entity_id   1
_entity_poly.type   'polypeptide(L)'
_entity_poly.pdbx_seq_one_letter_code
;MQPAQTHAAPVRKKPSRPFVSSHHRPADDVDDGIFRVVLITSGSVASIKAPDIVGALVKSPNIDVQVVATKASTYFYSQE
DVDNSVRSALNLPDGQTGEHFGVRVWTDEDEWSDWKQVGEPILHIELRRWADLVVIAPCSADLLAKIAGGICDSLATSLL
RALGPSTPVIVCPAMNTYMYQHRLTTRHLAVVQEDLGYLVSGPQGAGRLACGDDGPGKMTDWRDIVSLIEGFATMHQDRR
AVVHPGHPLQESSDPPLPPPTETPPTPGRPSKSSSAVGSSSVSTQDRAPAKAPSDDVLTGIADWRSMTNELGGDGTAWRR
KWWLG
;
_entity_poly.pdbx_strand_id   A
#
# COMPACT_ATOMS: atom_id res chain seq x y z
N ASP A 32 -21.44 -2.73 10.54
CA ASP A 32 -20.63 -3.10 9.39
C ASP A 32 -19.37 -3.85 9.84
N GLY A 33 -19.28 -5.13 9.49
CA GLY A 33 -18.18 -5.96 9.92
C GLY A 33 -17.07 -6.09 8.88
N ILE A 34 -16.81 -5.01 8.15
CA ILE A 34 -15.79 -5.05 7.11
C ILE A 34 -14.64 -4.10 7.42
N PHE A 35 -13.42 -4.63 7.30
CA PHE A 35 -12.21 -3.82 7.50
C PHE A 35 -11.64 -3.45 6.14
N ARG A 36 -11.36 -2.17 5.94
CA ARG A 36 -10.98 -1.68 4.63
C ARG A 36 -9.53 -1.19 4.60
N VAL A 37 -8.74 -1.82 3.74
CA VAL A 37 -7.32 -1.51 3.62
C VAL A 37 -7.00 -0.94 2.26
N VAL A 38 -6.32 0.20 2.25
CA VAL A 38 -5.74 0.72 1.03
C VAL A 38 -4.27 0.35 0.98
N LEU A 39 -3.89 -0.39 -0.06
CA LEU A 39 -2.49 -0.75 -0.26
C LEU A 39 -1.83 0.23 -1.23
N ILE A 40 -0.80 0.93 -0.78
CA ILE A 40 -0.02 1.78 -1.66
C ILE A 40 1.26 1.06 -2.04
N THR A 41 1.46 0.88 -3.35
CA THR A 41 2.66 0.22 -3.86
C THR A 41 3.50 1.25 -4.60
N SER A 42 4.80 1.26 -4.33
CA SER A 42 5.69 2.23 -4.96
C SER A 42 6.79 1.54 -5.76
N GLY A 43 7.70 2.32 -6.33
CA GLY A 43 8.67 1.82 -7.28
C GLY A 43 9.84 1.04 -6.71
N SER A 44 9.55 0.04 -5.89
CA SER A 44 10.57 -0.89 -5.42
C SER A 44 10.36 -2.26 -6.07
N VAL A 45 11.41 -3.06 -6.13
CA VAL A 45 11.31 -4.39 -6.73
C VAL A 45 10.33 -5.25 -5.94
N ALA A 46 10.15 -4.90 -4.67
CA ALA A 46 9.27 -5.66 -3.79
C ALA A 46 7.79 -5.52 -4.21
N SER A 47 7.52 -4.62 -5.15
CA SER A 47 6.17 -4.48 -5.71
C SER A 47 5.71 -5.74 -6.43
N ILE A 48 6.66 -6.61 -6.77
CA ILE A 48 6.35 -7.90 -7.37
C ILE A 48 5.48 -8.74 -6.44
N LYS A 49 5.62 -8.53 -5.14
CA LYS A 49 4.83 -9.24 -4.13
C LYS A 49 3.49 -8.57 -3.82
N ALA A 50 3.23 -7.43 -4.44
CA ALA A 50 1.95 -6.74 -4.24
C ALA A 50 0.74 -7.61 -4.63
N PRO A 51 0.81 -8.34 -5.77
CA PRO A 51 -0.31 -9.24 -6.07
C PRO A 51 -0.53 -10.34 -5.03
N ASP A 52 0.53 -10.84 -4.40
CA ASP A 52 0.39 -11.86 -3.36
C ASP A 52 -0.32 -11.31 -2.12
N ILE A 53 -0.03 -10.05 -1.80
CA ILE A 53 -0.67 -9.38 -0.67
C ILE A 53 -2.16 -9.19 -0.95
N VAL A 54 -2.47 -8.67 -2.12
CA VAL A 54 -3.86 -8.43 -2.51
C VAL A 54 -4.66 -9.72 -2.52
N GLY A 55 -4.06 -10.78 -3.06
CA GLY A 55 -4.70 -12.08 -3.09
C GLY A 55 -5.01 -12.59 -1.69
N ALA A 56 -4.09 -12.34 -0.76
CA ALA A 56 -4.28 -12.78 0.63
C ALA A 56 -5.33 -11.95 1.35
N LEU A 57 -5.40 -10.66 1.05
CA LEU A 57 -6.37 -9.79 1.68
C LEU A 57 -7.78 -10.06 1.15
N VAL A 58 -7.89 -10.34 -0.15
CA VAL A 58 -9.19 -10.69 -0.73
C VAL A 58 -9.76 -11.93 -0.07
N LYS A 59 -8.94 -12.98 0.01
CA LYS A 59 -9.36 -14.26 0.58
C LYS A 59 -9.74 -14.12 2.04
N SER A 60 -9.11 -13.19 2.74
CA SER A 60 -9.43 -12.94 4.15
C SER A 60 -10.89 -12.50 4.26
N PRO A 61 -11.67 -13.20 5.10
CA PRO A 61 -13.14 -13.10 5.16
C PRO A 61 -13.72 -11.69 5.34
N ASN A 62 -13.23 -10.93 6.32
CA ASN A 62 -13.85 -9.63 6.62
C ASN A 62 -12.97 -8.44 6.27
N ILE A 63 -12.15 -8.60 5.24
CA ILE A 63 -11.25 -7.54 4.82
C ILE A 63 -11.42 -7.25 3.33
N ASP A 64 -11.56 -5.99 2.99
CA ASP A 64 -11.53 -5.56 1.60
C ASP A 64 -10.27 -4.74 1.33
N VAL A 65 -9.81 -4.76 0.08
CA VAL A 65 -8.59 -4.05 -0.26
C VAL A 65 -8.75 -3.23 -1.54
N GLN A 66 -8.23 -2.01 -1.50
CA GLN A 66 -8.08 -1.20 -2.70
C GLN A 66 -6.60 -0.89 -2.87
N VAL A 67 -6.16 -0.75 -4.12
CA VAL A 67 -4.74 -0.59 -4.40
C VAL A 67 -4.43 0.74 -5.08
N VAL A 68 -3.43 1.44 -4.56
CA VAL A 68 -2.91 2.64 -5.21
C VAL A 68 -1.49 2.40 -5.66
N ALA A 69 -1.25 2.55 -6.96
CA ALA A 69 0.07 2.31 -7.52
C ALA A 69 0.70 3.59 -8.03
N THR A 70 1.92 3.87 -7.58
CA THR A 70 2.69 4.94 -8.17
C THR A 70 3.08 4.52 -9.57
N LYS A 71 3.48 5.45 -10.41
CA LYS A 71 3.79 5.11 -11.80
C LYS A 71 4.92 4.09 -11.86
N ALA A 72 5.94 4.28 -11.03
CA ALA A 72 7.09 3.38 -11.01
C ALA A 72 6.69 1.95 -10.60
N SER A 73 5.74 1.81 -9.68
CA SER A 73 5.36 0.50 -9.19
C SER A 73 4.65 -0.32 -10.27
N THR A 74 4.04 0.38 -11.23
CA THR A 74 3.33 -0.29 -12.31
C THR A 74 4.27 -1.01 -13.26
N TYR A 75 5.56 -0.74 -13.14
CA TYR A 75 6.58 -1.44 -13.92
C TYR A 75 6.86 -2.84 -13.38
N PHE A 76 6.48 -3.09 -12.13
CA PHE A 76 6.84 -4.34 -11.47
C PHE A 76 5.67 -5.34 -11.44
N TYR A 77 4.46 -4.86 -11.72
CA TYR A 77 3.30 -5.74 -11.79
C TYR A 77 2.14 -5.09 -12.54
N SER A 78 1.24 -5.92 -13.04
CA SER A 78 0.08 -5.45 -13.79
C SER A 78 -1.22 -5.79 -13.08
N GLN A 79 -2.33 -5.28 -13.62
CA GLN A 79 -3.65 -5.58 -13.07
C GLN A 79 -3.94 -7.07 -13.17
N GLU A 80 -3.45 -7.68 -14.24
CA GLU A 80 -3.74 -9.08 -14.49
C GLU A 80 -2.93 -9.99 -13.57
N ASP A 81 -1.76 -9.51 -13.14
CA ASP A 81 -0.99 -10.21 -12.12
C ASP A 81 -1.83 -10.32 -10.85
N VAL A 82 -2.45 -9.20 -10.48
CA VAL A 82 -3.34 -9.16 -9.31
C VAL A 82 -4.53 -10.12 -9.50
N ASP A 83 -5.16 -10.04 -10.67
CA ASP A 83 -6.30 -10.91 -10.99
C ASP A 83 -5.91 -12.39 -10.95
N ASN A 84 -4.78 -12.72 -11.57
CA ASN A 84 -4.25 -14.09 -11.52
C ASN A 84 -4.01 -14.51 -10.07
N SER A 85 -3.54 -13.56 -9.28
CA SER A 85 -3.20 -13.83 -7.88
C SER A 85 -4.44 -14.02 -7.02
N VAL A 86 -5.52 -13.31 -7.37
CA VAL A 86 -6.79 -13.46 -6.67
C VAL A 86 -7.38 -14.84 -6.95
N ARG A 87 -7.40 -15.23 -8.23
CA ARG A 87 -7.91 -16.54 -8.62
C ARG A 87 -7.12 -17.66 -7.95
N SER A 88 -5.80 -17.48 -7.89
CA SER A 88 -4.92 -18.46 -7.27
C SER A 88 -5.26 -18.64 -5.80
N ALA A 89 -5.51 -17.54 -5.10
CA ALA A 89 -5.82 -17.58 -3.67
C ALA A 89 -7.24 -18.09 -3.42
N LEU A 90 -8.14 -17.85 -4.37
CA LEU A 90 -9.54 -18.26 -4.20
C LEU A 90 -9.85 -19.58 -4.89
N ASN A 91 -8.81 -20.28 -5.33
CA ASN A 91 -8.96 -21.58 -5.99
C ASN A 91 -9.85 -21.53 -7.23
N LEU A 92 -9.89 -20.37 -7.87
CA LEU A 92 -10.67 -20.22 -9.10
C LEU A 92 -9.84 -20.67 -10.30
N PRO A 93 -10.51 -21.24 -11.31
CA PRO A 93 -9.80 -21.58 -12.56
C PRO A 93 -9.46 -20.31 -13.33
N ASP A 94 -8.52 -20.40 -14.26
CA ASP A 94 -8.14 -19.21 -15.01
C ASP A 94 -9.27 -18.79 -15.96
N GLY A 95 -9.22 -17.54 -16.36
CA GLY A 95 -10.24 -16.90 -17.16
C GLY A 95 -9.94 -15.43 -17.08
N GLN A 96 -10.86 -14.57 -17.49
CA GLN A 96 -10.56 -13.14 -17.40
C GLN A 96 -11.74 -12.26 -17.01
N THR A 97 -11.38 -11.21 -16.29
CA THR A 97 -12.27 -10.17 -15.81
C THR A 97 -11.38 -8.92 -15.73
N GLY A 98 -11.91 -7.73 -15.98
CA GLY A 98 -13.32 -7.48 -16.16
C GLY A 98 -13.49 -6.55 -14.98
N GLU A 99 -14.10 -7.05 -13.91
CA GLU A 99 -14.42 -6.24 -12.75
C GLU A 99 -13.35 -6.40 -11.67
N HIS A 100 -12.47 -7.38 -11.88
CA HIS A 100 -11.29 -7.59 -11.02
C HIS A 100 -11.63 -7.95 -9.57
N PHE A 101 -12.82 -8.51 -9.38
CA PHE A 101 -13.22 -9.23 -8.14
C PHE A 101 -13.65 -8.54 -6.81
N GLY A 102 -13.82 -7.22 -6.69
CA GLY A 102 -13.47 -6.19 -7.64
C GLY A 102 -12.40 -5.42 -6.89
N VAL A 103 -11.15 -5.60 -7.35
CA VAL A 103 -10.02 -4.91 -6.75
C VAL A 103 -9.30 -4.19 -7.88
N ARG A 104 -9.63 -2.92 -8.08
CA ARG A 104 -9.00 -2.14 -9.13
C ARG A 104 -7.70 -1.54 -8.63
N VAL A 105 -6.66 -1.60 -9.47
CA VAL A 105 -5.41 -0.93 -9.19
C VAL A 105 -5.52 0.51 -9.68
N TRP A 106 -5.67 1.46 -8.75
CA TRP A 106 -5.81 2.87 -9.10
C TRP A 106 -4.45 3.49 -9.42
N THR A 107 -4.42 4.32 -10.46
CA THR A 107 -3.22 5.07 -10.84
C THR A 107 -3.50 6.57 -10.89
N ASP A 108 -2.46 7.37 -11.08
CA ASP A 108 -2.60 8.83 -11.16
C ASP A 108 -3.58 9.24 -12.25
N GLU A 109 -3.54 8.52 -13.38
CA GLU A 109 -4.39 8.81 -14.53
C GLU A 109 -5.88 8.81 -14.17
N ASP A 110 -6.29 7.87 -13.32
CA ASP A 110 -7.70 7.74 -12.95
C ASP A 110 -8.23 8.98 -12.25
N GLU A 111 -7.35 9.67 -11.53
CA GLU A 111 -7.75 10.79 -10.71
C GLU A 111 -8.14 12.00 -11.55
N TRP A 112 -7.56 12.10 -12.75
CA TRP A 112 -7.81 13.26 -13.61
C TRP A 112 -8.77 12.92 -14.75
N SER A 113 -9.62 11.93 -14.51
CA SER A 113 -10.66 11.53 -15.46
C SER A 113 -12.02 11.38 -14.77
N GLY A 119 -17.99 19.48 -8.83
CA GLY A 119 -18.97 18.79 -8.03
C GLY A 119 -18.76 17.28 -7.97
N GLU A 120 -18.04 16.77 -8.97
CA GLU A 120 -17.72 15.35 -9.03
C GLU A 120 -16.78 14.97 -7.88
N PRO A 121 -16.84 13.70 -7.44
CA PRO A 121 -15.96 13.27 -6.34
C PRO A 121 -14.49 13.24 -6.73
N ILE A 122 -13.63 13.58 -5.79
CA ILE A 122 -12.18 13.52 -6.00
C ILE A 122 -11.67 12.19 -5.47
N LEU A 123 -10.90 11.48 -6.29
CA LEU A 123 -10.54 10.09 -5.98
C LEU A 123 -9.78 9.94 -4.65
N HIS A 124 -8.75 10.75 -4.42
CA HIS A 124 -7.95 10.58 -3.21
C HIS A 124 -8.74 10.96 -1.96
N ILE A 125 -9.81 11.74 -2.14
CA ILE A 125 -10.72 12.05 -1.04
C ILE A 125 -11.61 10.84 -0.76
N GLU A 126 -12.15 10.25 -1.82
CA GLU A 126 -12.98 9.06 -1.69
C GLU A 126 -12.22 7.91 -1.04
N LEU A 127 -10.95 7.77 -1.39
CA LEU A 127 -10.11 6.70 -0.84
C LEU A 127 -9.78 6.93 0.63
N ARG A 128 -9.59 8.20 1.00
CA ARG A 128 -9.34 8.56 2.38
C ARG A 128 -10.52 8.22 3.28
N ARG A 129 -11.73 8.51 2.81
CA ARG A 129 -12.95 8.22 3.55
C ARG A 129 -13.13 6.72 3.73
N TRP A 130 -12.90 5.99 2.64
CA TRP A 130 -13.06 4.55 2.58
C TRP A 130 -12.11 3.80 3.54
N ALA A 131 -10.85 4.17 3.50
CA ALA A 131 -9.78 3.44 4.19
C ALA A 131 -9.91 3.42 5.72
N ASP A 132 -9.76 2.22 6.29
CA ASP A 132 -9.62 2.07 7.73
C ASP A 132 -8.14 1.98 8.09
N LEU A 133 -7.34 1.62 7.08
CA LEU A 133 -5.90 1.46 7.25
C LEU A 133 -5.22 1.73 5.92
N VAL A 134 -4.08 2.41 5.97
CA VAL A 134 -3.26 2.61 4.78
C VAL A 134 -1.92 1.91 4.95
N VAL A 135 -1.59 1.02 4.02
CA VAL A 135 -0.33 0.29 4.08
C VAL A 135 0.54 0.61 2.86
N ILE A 136 1.72 1.15 3.10
CA ILE A 136 2.65 1.44 2.03
C ILE A 136 3.67 0.31 1.90
N ALA A 137 3.43 -0.60 0.96
CA ALA A 137 4.26 -1.78 0.81
C ALA A 137 4.38 -2.18 -0.66
N PRO A 138 5.55 -1.95 -1.26
CA PRO A 138 6.73 -1.39 -0.60
C PRO A 138 6.75 0.13 -0.61
N CYS A 139 7.53 0.72 0.29
CA CYS A 139 7.79 2.16 0.24
C CYS A 139 9.21 2.41 -0.24
N SER A 140 9.35 2.99 -1.42
CA SER A 140 10.67 3.31 -1.95
C SER A 140 11.30 4.46 -1.17
N ALA A 141 12.58 4.71 -1.42
CA ALA A 141 13.27 5.84 -0.82
C ALA A 141 12.66 7.16 -1.32
N ASP A 142 12.28 7.17 -2.59
CA ASP A 142 11.67 8.36 -3.20
C ASP A 142 10.35 8.71 -2.54
N LEU A 143 9.48 7.71 -2.36
CA LEU A 143 8.18 7.95 -1.77
C LEU A 143 8.34 8.38 -0.31
N LEU A 144 9.29 7.75 0.38
CA LEU A 144 9.61 8.12 1.75
C LEU A 144 10.04 9.59 1.82
N ALA A 145 10.92 9.98 0.92
CA ALA A 145 11.39 11.36 0.83
C ALA A 145 10.25 12.32 0.50
N LYS A 146 9.39 11.92 -0.43
CA LYS A 146 8.25 12.76 -0.81
C LYS A 146 7.27 12.94 0.35
N ILE A 147 7.00 11.85 1.06
CA ILE A 147 6.11 11.89 2.23
C ILE A 147 6.68 12.81 3.30
N ALA A 148 7.97 12.63 3.61
CA ALA A 148 8.65 13.45 4.61
C ALA A 148 8.69 14.90 4.17
N GLY A 149 8.74 15.12 2.86
CA GLY A 149 8.79 16.46 2.32
C GLY A 149 7.43 17.12 2.16
N GLY A 150 6.36 16.33 2.26
CA GLY A 150 5.01 16.86 2.16
C GLY A 150 4.57 17.07 0.73
N ILE A 151 5.37 16.56 -0.20
CA ILE A 151 5.06 16.65 -1.62
C ILE A 151 3.90 15.71 -1.98
N CYS A 152 2.93 16.21 -2.74
CA CYS A 152 1.76 15.41 -3.06
C CYS A 152 1.26 15.59 -4.49
N ASP A 153 2.15 15.36 -5.46
CA ASP A 153 1.79 15.50 -6.87
C ASP A 153 1.47 14.17 -7.53
N SER A 154 0.91 13.23 -6.75
CA SER A 154 0.44 11.97 -7.29
C SER A 154 -0.74 11.49 -6.47
N LEU A 155 -1.44 10.47 -6.96
CA LEU A 155 -2.59 9.92 -6.24
C LEU A 155 -2.17 9.44 -4.86
N ALA A 156 -1.07 8.70 -4.82
CA ALA A 156 -0.59 8.08 -3.58
C ALA A 156 -0.28 9.12 -2.50
N THR A 157 0.41 10.18 -2.89
CA THR A 157 0.85 11.19 -1.93
C THR A 157 -0.25 12.18 -1.58
N SER A 158 -1.17 12.42 -2.52
CA SER A 158 -2.34 13.23 -2.22
C SER A 158 -3.24 12.52 -1.20
N LEU A 159 -3.35 11.21 -1.33
CA LEU A 159 -4.13 10.40 -0.40
C LEU A 159 -3.54 10.48 1.01
N LEU A 160 -2.24 10.25 1.13
CA LEU A 160 -1.56 10.30 2.42
C LEU A 160 -1.65 11.69 3.05
N ARG A 161 -1.48 12.72 2.24
CA ARG A 161 -1.53 14.10 2.72
C ARG A 161 -2.93 14.48 3.20
N ALA A 162 -3.95 13.86 2.60
CA ALA A 162 -5.33 14.20 2.90
C ALA A 162 -5.92 13.40 4.06
N LEU A 163 -5.19 12.39 4.52
CA LEU A 163 -5.70 11.52 5.59
C LEU A 163 -6.05 12.28 6.87
N GLY A 164 -6.99 11.73 7.63
CA GLY A 164 -7.28 12.21 8.96
C GLY A 164 -6.52 11.34 9.95
N PRO A 165 -6.29 11.85 11.17
CA PRO A 165 -5.54 11.10 12.19
C PRO A 165 -6.30 9.85 12.64
N SER A 166 -7.55 9.76 12.20
CA SER A 166 -8.38 8.57 12.40
C SER A 166 -7.69 7.34 11.82
N THR A 167 -7.17 7.51 10.60
CA THR A 167 -6.60 6.41 9.84
C THR A 167 -5.12 6.18 10.12
N PRO A 168 -4.77 4.98 10.62
CA PRO A 168 -3.37 4.58 10.82
C PRO A 168 -2.65 4.29 9.50
N VAL A 169 -1.33 4.45 9.51
CA VAL A 169 -0.51 4.22 8.33
C VAL A 169 0.67 3.30 8.66
N ILE A 170 0.83 2.26 7.85
CA ILE A 170 1.99 1.38 8.00
C ILE A 170 2.92 1.53 6.80
N VAL A 171 4.16 1.91 7.07
CA VAL A 171 5.15 2.10 6.02
C VAL A 171 6.19 0.98 6.05
N CYS A 172 6.36 0.32 4.90
CA CYS A 172 7.33 -0.77 4.79
C CYS A 172 8.43 -0.40 3.81
N PRO A 173 9.49 0.24 4.31
CA PRO A 173 10.60 0.64 3.45
C PRO A 173 11.21 -0.57 2.74
N ALA A 174 11.58 -0.39 1.48
CA ALA A 174 12.14 -1.46 0.68
C ALA A 174 13.05 -0.86 -0.38
N MET A 175 14.35 -1.03 -0.20
CA MET A 175 15.30 -0.37 -1.06
C MET A 175 16.67 -1.04 -1.02
N ASN A 176 17.51 -0.69 -1.98
CA ASN A 176 18.89 -1.11 -1.98
C ASN A 176 19.52 -0.70 -0.66
N THR A 177 20.40 -1.54 -0.13
CA THR A 177 20.91 -1.32 1.22
C THR A 177 21.66 0.00 1.33
N TYR A 178 22.31 0.42 0.26
CA TYR A 178 23.04 1.68 0.30
C TYR A 178 22.10 2.88 0.23
N MET A 179 20.89 2.65 -0.28
CA MET A 179 19.87 3.70 -0.22
C MET A 179 19.34 3.81 1.20
N TYR A 180 19.15 2.66 1.86
CA TYR A 180 18.65 2.65 3.23
C TYR A 180 19.68 3.21 4.21
N GLN A 181 20.97 2.97 3.93
CA GLN A 181 22.04 3.46 4.80
C GLN A 181 22.34 4.94 4.61
N HIS A 182 21.81 5.52 3.53
CA HIS A 182 21.95 6.94 3.25
C HIS A 182 21.51 7.78 4.46
N ARG A 183 22.19 8.89 4.69
CA ARG A 183 21.96 9.70 5.87
C ARG A 183 20.53 10.24 5.96
N LEU A 184 19.91 10.48 4.81
CA LEU A 184 18.60 11.11 4.75
C LEU A 184 17.46 10.14 5.05
N THR A 185 17.76 8.84 4.94
CA THR A 185 16.75 7.81 5.21
C THR A 185 16.26 7.87 6.65
N THR A 186 17.20 7.90 7.59
CA THR A 186 16.87 7.91 9.00
C THR A 186 16.20 9.22 9.41
N ARG A 187 16.58 10.31 8.75
CA ARG A 187 15.96 11.61 9.00
C ARG A 187 14.50 11.62 8.49
N HIS A 188 14.24 10.90 7.42
CA HIS A 188 12.89 10.82 6.85
C HIS A 188 12.02 9.85 7.64
N LEU A 189 12.61 8.74 8.07
CA LEU A 189 11.92 7.80 8.94
C LEU A 189 11.52 8.50 10.24
N ALA A 190 12.39 9.40 10.70
CA ALA A 190 12.14 10.17 11.92
C ALA A 190 10.95 11.10 11.74
N VAL A 191 10.96 11.86 10.64
CA VAL A 191 9.85 12.76 10.31
C VAL A 191 8.54 11.97 10.17
N VAL A 192 8.60 10.91 9.39
CA VAL A 192 7.44 10.07 9.15
C VAL A 192 6.88 9.45 10.43
N GLN A 193 7.76 9.12 11.37
CA GLN A 193 7.35 8.44 12.60
C GLN A 193 6.86 9.39 13.70
N GLU A 194 7.74 10.30 14.10
CA GLU A 194 7.44 11.22 15.20
C GLU A 194 6.41 12.26 14.80
N ASP A 195 6.63 12.91 13.65
CA ASP A 195 5.76 14.00 13.23
C ASP A 195 4.41 13.52 12.70
N LEU A 196 4.42 12.47 11.89
CA LEU A 196 3.21 12.04 11.19
C LEU A 196 2.50 10.87 11.89
N GLY A 197 3.19 10.21 12.81
CA GLY A 197 2.61 9.12 13.55
C GLY A 197 2.46 7.84 12.73
N TYR A 198 3.17 7.76 11.61
CA TYR A 198 3.14 6.54 10.79
C TYR A 198 3.89 5.42 11.50
N LEU A 199 3.42 4.19 11.32
CA LEU A 199 4.10 3.02 11.85
C LEU A 199 5.06 2.46 10.81
N VAL A 200 6.29 2.18 11.22
CA VAL A 200 7.28 1.66 10.29
C VAL A 200 7.57 0.20 10.54
N SER A 201 7.11 -0.65 9.63
CA SER A 201 7.57 -2.02 9.59
C SER A 201 8.93 -2.03 8.90
N GLY A 202 9.95 -1.62 9.65
CA GLY A 202 11.29 -1.42 9.12
C GLY A 202 11.76 -2.63 8.36
N PRO A 203 12.69 -2.41 7.40
CA PRO A 203 13.13 -3.49 6.52
C PRO A 203 13.85 -4.60 7.27
N GLN A 204 13.99 -5.77 6.66
CA GLN A 204 14.76 -6.85 7.24
C GLN A 204 16.22 -6.41 7.36
N GLY A 205 16.86 -6.81 8.47
CA GLY A 205 18.24 -6.44 8.72
C GLY A 205 19.23 -7.42 8.09
N GLY A 215 23.09 -6.60 4.76
CA GLY A 215 22.39 -5.75 3.82
C GLY A 215 20.96 -5.45 4.23
N PRO A 216 20.78 -4.51 5.18
CA PRO A 216 19.43 -4.07 5.58
C PRO A 216 18.78 -3.26 4.46
N GLY A 217 17.51 -3.54 4.16
CA GLY A 217 16.80 -2.81 3.13
C GLY A 217 15.68 -3.61 2.50
N LYS A 218 15.75 -4.93 2.59
CA LYS A 218 14.71 -5.80 2.05
C LYS A 218 13.41 -5.60 2.80
N MET A 219 12.31 -5.52 2.05
CA MET A 219 11.00 -5.31 2.65
C MET A 219 10.64 -6.42 3.64
N THR A 220 9.89 -6.06 4.67
CA THR A 220 9.27 -7.05 5.54
C THR A 220 8.55 -8.06 4.66
N ASP A 221 8.73 -9.35 4.94
CA ASP A 221 8.14 -10.39 4.11
C ASP A 221 6.64 -10.16 3.98
N TRP A 222 6.12 -10.33 2.76
CA TRP A 222 4.74 -9.96 2.46
C TRP A 222 3.74 -10.74 3.32
N ARG A 223 4.10 -11.95 3.72
CA ARG A 223 3.24 -12.74 4.59
C ARG A 223 3.19 -12.10 5.98
N ASP A 224 4.31 -11.53 6.40
CA ASP A 224 4.35 -10.83 7.67
C ASP A 224 3.50 -9.56 7.59
N ILE A 225 3.57 -8.88 6.45
CA ILE A 225 2.74 -7.71 6.20
C ILE A 225 1.26 -8.02 6.36
N VAL A 226 0.83 -9.12 5.74
CA VAL A 226 -0.57 -9.52 5.77
C VAL A 226 -1.04 -9.79 7.20
N SER A 227 -0.21 -10.48 7.98
CA SER A 227 -0.58 -10.82 9.35
C SER A 227 -0.53 -9.59 10.26
N LEU A 228 0.32 -8.63 9.91
CA LEU A 228 0.30 -7.35 10.60
C LEU A 228 -1.05 -6.68 10.34
N ILE A 229 -1.48 -6.74 9.08
CA ILE A 229 -2.76 -6.17 8.66
C ILE A 229 -3.93 -6.85 9.38
N GLU A 230 -3.90 -8.17 9.46
CA GLU A 230 -4.96 -8.92 10.13
C GLU A 230 -5.00 -8.62 11.63
N GLY A 231 -3.85 -8.25 12.19
CA GLY A 231 -3.76 -7.84 13.57
C GLY A 231 -4.48 -6.53 13.81
N PHE A 232 -4.50 -5.67 12.80
CA PHE A 232 -5.23 -4.41 12.87
C PHE A 232 -6.72 -4.62 12.64
N ALA A 233 -7.04 -5.56 11.76
CA ALA A 233 -8.44 -5.93 11.53
C ALA A 233 -9.05 -6.43 12.83
N THR A 234 -8.30 -7.22 13.58
CA THR A 234 -8.72 -7.73 14.87
C THR A 234 -9.00 -6.60 15.85
N MET A 235 -8.05 -5.68 15.98
CA MET A 235 -8.21 -4.47 16.79
C MET A 235 -9.50 -3.74 16.46
N HIS A 236 -9.76 -3.59 15.16
CA HIS A 236 -10.87 -2.80 14.65
C HIS A 236 -12.23 -3.43 14.90
N GLN A 237 -12.29 -4.76 14.92
CA GLN A 237 -13.54 -5.48 15.07
C GLN A 237 -14.23 -5.20 16.41
N ASP A 238 -13.41 -4.94 17.44
CA ASP A 238 -13.90 -4.50 18.75
C ASP A 238 -15.02 -5.37 19.31
#